data_4QB8
#
_entry.id   4QB8
#
_cell.length_a   49.569
_cell.length_b   67.558
_cell.length_c   75.105
_cell.angle_alpha   90.00
_cell.angle_beta   90.00
_cell.angle_gamma   90.00
#
_symmetry.space_group_name_H-M   'P 21 21 21'
#
loop_
_entity.id
_entity.type
_entity.pdbx_description
1 polymer Beta-lactamase
2 non-polymer 'PHOSPHATE ION'
3 non-polymer TEBIPENEM
4 water water
#
_entity_poly.entity_id   1
_entity_poly.type   'polypeptide(L)'
_entity_poly.pdbx_seq_one_letter_code
;AADLADRFAELERRYDARLGVYVPATGTTAAIEYRADERFAFCSTFAAPLVAAVLHQNPLTHLDKLITYTSDDIRSISPV
AQQHVQTGMTIGQLCDAAIRYSDGTAANLLLADLGGPGGGTAAFTGYLRSLGDTVSRLDAEEPELNRDPPGDERDTTTPH
AIALVLQQLVLGNALPPDKRALLTDWMARNTTGAKRIRAGFPADWKVIDKTGTGDYGRANDIAVVWSPTGVPYVVAVMSD
RAGGGYDAEPREALLAEAATCVAGVLA
;
_entity_poly.pdbx_strand_id   A
#
loop_
_chem_comp.id
_chem_comp.type
_chem_comp.name
_chem_comp.formula
1TE non-polymer TEBIPENEM 'C16 H21 N3 O4 S2'
PO4 non-polymer 'PHOSPHATE ION' 'O4 P -3'
#
# COMPACT_ATOMS: atom_id res chain seq x y z
N ALA A 1 -3.34 -10.62 -22.42
CA ALA A 1 -4.28 -10.36 -23.50
C ALA A 1 -4.75 -11.62 -24.21
N ALA A 2 -5.87 -12.17 -23.76
CA ALA A 2 -6.70 -13.09 -24.55
C ALA A 2 -8.19 -13.23 -24.16
N ASP A 3 -8.88 -12.19 -23.67
CA ASP A 3 -8.38 -10.83 -23.41
C ASP A 3 -7.79 -10.68 -22.01
N LEU A 4 -7.55 -9.43 -21.59
CA LEU A 4 -6.96 -9.18 -20.28
C LEU A 4 -7.87 -9.66 -19.16
N ALA A 5 -9.16 -9.41 -19.28
CA ALA A 5 -10.12 -9.85 -18.27
C ALA A 5 -10.13 -11.38 -18.19
N ASP A 6 -9.98 -12.03 -19.34
CA ASP A 6 -9.91 -13.49 -19.35
C ASP A 6 -8.66 -13.98 -18.62
N ARG A 7 -7.55 -13.28 -18.81
CA ARG A 7 -6.29 -13.65 -18.16
C ARG A 7 -6.39 -13.50 -16.66
N PHE A 8 -6.99 -12.41 -16.19
CA PHE A 8 -7.17 -12.19 -14.76
C PHE A 8 -8.09 -13.26 -14.17
N ALA A 9 -9.16 -13.61 -14.87
CA ALA A 9 -10.06 -14.66 -14.38
C ALA A 9 -9.34 -16.01 -14.28
N GLU A 10 -8.46 -16.29 -15.25
CA GLU A 10 -7.70 -17.53 -15.20
C GLU A 10 -6.81 -17.57 -13.96
N LEU A 11 -6.24 -16.42 -13.60
CA LEU A 11 -5.39 -16.31 -12.41
C LEU A 11 -6.20 -16.53 -11.14
N GLU A 12 -7.41 -15.98 -11.11
CA GLU A 12 -8.30 -16.23 -9.99
C GLU A 12 -8.58 -17.72 -9.79
N ARG A 13 -8.82 -18.44 -10.88
CA ARG A 13 -9.04 -19.88 -10.78
C ARG A 13 -7.77 -20.62 -10.33
N ARG A 14 -6.62 -20.18 -10.82
CA ARG A 14 -5.36 -20.86 -10.50
C ARG A 14 -5.03 -20.76 -9.03
N TYR A 15 -5.29 -19.57 -8.45
CA TYR A 15 -4.90 -19.30 -7.09
C TYR A 15 -6.07 -19.37 -6.11
N ASP A 16 -7.23 -19.81 -6.58
CA ASP A 16 -8.48 -19.82 -5.79
C ASP A 16 -8.63 -18.47 -5.10
N ALA A 17 -8.55 -17.42 -5.89
CA ALA A 17 -8.42 -16.07 -5.36
C ALA A 17 -9.44 -15.09 -5.94
N ARG A 18 -9.57 -13.95 -5.27
CA ARG A 18 -10.25 -12.79 -5.82
C ARG A 18 -9.17 -11.76 -6.09
N LEU A 19 -9.10 -11.29 -7.33
CA LEU A 19 -8.05 -10.37 -7.79
C LEU A 19 -8.68 -9.04 -8.21
N GLY A 20 -8.10 -7.94 -7.76
CA GLY A 20 -8.55 -6.63 -8.19
C GLY A 20 -7.39 -5.87 -8.78
N VAL A 21 -7.61 -5.20 -9.90
CA VAL A 21 -6.52 -4.50 -10.60
C VAL A 21 -7.03 -3.14 -11.07
N TYR A 22 -6.25 -2.09 -10.87
CA TYR A 22 -6.56 -0.81 -11.51
C TYR A 22 -5.30 -0.09 -11.98
N VAL A 23 -5.34 0.40 -13.21
CA VAL A 23 -4.31 1.28 -13.73
C VAL A 23 -5.05 2.47 -14.31
N PRO A 24 -4.85 3.67 -13.75
CA PRO A 24 -5.57 4.84 -14.26
C PRO A 24 -5.27 5.09 -15.73
N ALA A 25 -6.23 5.67 -16.44
CA ALA A 25 -6.02 6.09 -17.82
C ALA A 25 -4.91 7.14 -17.91
N THR A 26 -4.22 7.14 -19.05
CA THR A 26 -3.24 8.16 -19.36
C THR A 26 -3.65 8.82 -20.67
N GLY A 27 -2.74 9.59 -21.25
CA GLY A 27 -2.99 10.23 -22.53
C GLY A 27 -3.43 9.25 -23.59
N THR A 28 -2.74 8.12 -23.68
CA THR A 28 -2.97 7.17 -24.77
C THR A 28 -3.38 5.76 -24.34
N THR A 29 -3.50 5.51 -23.04
CA THR A 29 -3.96 4.20 -22.60
C THR A 29 -5.27 4.30 -21.83
N ALA A 30 -6.19 3.39 -22.11
CA ALA A 30 -7.43 3.34 -21.35
C ALA A 30 -7.10 2.82 -19.96
N ALA A 31 -7.94 3.15 -19.00
CA ALA A 31 -7.81 2.55 -17.67
C ALA A 31 -7.89 1.04 -17.81
N ILE A 32 -7.09 0.34 -17.03
CA ILE A 32 -7.20 -1.11 -16.92
C ILE A 32 -7.95 -1.36 -15.63
N GLU A 33 -9.04 -2.13 -15.69
CA GLU A 33 -9.81 -2.34 -14.48
C GLU A 33 -10.41 -3.74 -14.41
N TYR A 34 -10.20 -4.38 -13.27
CA TYR A 34 -10.75 -5.70 -13.03
C TYR A 34 -11.14 -5.76 -11.56
N ARG A 35 -12.43 -5.93 -11.29
CA ARG A 35 -12.94 -5.82 -9.91
C ARG A 35 -12.40 -4.57 -9.24
N ALA A 36 -12.21 -3.50 -10.01
CA ALA A 36 -11.48 -2.35 -9.50
C ALA A 36 -12.23 -1.57 -8.46
N ASP A 37 -13.56 -1.75 -8.43
CA ASP A 37 -14.37 -1.02 -7.45
C ASP A 37 -14.85 -1.93 -6.32
N GLU A 38 -14.38 -3.18 -6.32
CA GLU A 38 -14.60 -4.03 -5.16
C GLU A 38 -13.65 -3.68 -4.02
N ARG A 39 -14.14 -3.81 -2.79
CA ARG A 39 -13.34 -3.53 -1.61
C ARG A 39 -12.36 -4.66 -1.31
N PHE A 40 -11.13 -4.30 -0.95
CA PHE A 40 -10.13 -5.23 -0.45
C PHE A 40 -9.48 -4.58 0.75
N ALA A 41 -9.04 -5.38 1.73
CA ALA A 41 -8.31 -4.84 2.87
C ALA A 41 -7.07 -4.07 2.41
N PHE A 42 -6.85 -2.91 3.03
CA PHE A 42 -5.60 -2.16 2.85
C PHE A 42 -4.37 -3.03 3.14
N CYS A 43 -4.41 -3.71 4.28
CA CYS A 43 -3.17 -4.22 4.89
C CYS A 43 -2.16 -3.07 4.96
N SER A 44 -0.87 -3.36 4.85
N SER A 44 -0.86 -3.34 4.88
CA SER A 44 0.14 -2.30 5.03
CA SER A 44 0.08 -2.24 5.08
C SER A 44 0.18 -1.26 3.91
C SER A 44 0.17 -1.26 3.91
N THR A 45 -0.62 -1.44 2.86
CA THR A 45 -0.62 -0.43 1.79
C THR A 45 -1.01 0.94 2.34
N PHE A 46 -1.76 0.98 3.44
CA PHE A 46 -2.19 2.26 3.98
C PHE A 46 -1.00 3.08 4.46
N ALA A 47 0.13 2.44 4.69
CA ALA A 47 1.28 3.14 5.24
C ALA A 47 1.83 4.19 4.28
N ALA A 48 1.63 4.00 2.98
CA ALA A 48 2.07 5.00 2.03
C ALA A 48 1.28 6.32 2.17
N PRO A 49 -0.06 6.27 2.11
CA PRO A 49 -0.71 7.56 2.36
C PRO A 49 -0.61 8.03 3.82
N LEU A 50 -0.37 7.11 4.77
CA LEU A 50 -0.14 7.53 6.16
C LEU A 50 1.09 8.40 6.27
N VAL A 51 2.17 7.99 5.62
CA VAL A 51 3.40 8.79 5.63
C VAL A 51 3.18 10.14 4.93
N ALA A 52 2.43 10.14 3.83
CA ALA A 52 2.02 11.38 3.17
C ALA A 52 1.25 12.29 4.13
N ALA A 53 0.29 11.73 4.87
CA ALA A 53 -0.46 12.52 5.84
C ALA A 53 0.44 13.15 6.88
N VAL A 54 1.36 12.36 7.44
CA VAL A 54 2.27 12.87 8.46
C VAL A 54 3.19 13.94 7.89
N LEU A 55 3.71 13.70 6.69
CA LEU A 55 4.54 14.69 6.01
C LEU A 55 3.78 15.99 5.80
N HIS A 56 2.57 15.88 5.26
CA HIS A 56 1.76 17.05 4.95
C HIS A 56 1.44 17.87 6.19
N GLN A 57 1.19 17.17 7.29
CA GLN A 57 0.68 17.76 8.52
C GLN A 57 1.72 18.60 9.25
N ASN A 58 3.00 18.36 8.97
CA ASN A 58 4.07 18.91 9.80
C ASN A 58 5.18 19.59 9.02
N PRO A 59 5.93 20.49 9.67
CA PRO A 59 7.15 20.95 9.01
C PRO A 59 8.06 19.78 8.71
N LEU A 60 8.89 19.92 7.69
CA LEU A 60 9.77 18.85 7.27
C LEU A 60 10.68 18.37 8.40
N THR A 61 11.14 19.29 9.23
CA THR A 61 12.03 18.92 10.33
C THR A 61 11.35 18.18 11.50
N HIS A 62 10.04 17.95 11.40
CA HIS A 62 9.34 17.06 12.33
C HIS A 62 9.90 15.64 12.16
N LEU A 63 10.52 15.37 11.00
CA LEU A 63 11.14 14.07 10.74
C LEU A 63 12.24 13.77 11.76
N ASP A 64 12.79 14.82 12.38
CA ASP A 64 13.90 14.66 13.29
C ASP A 64 13.47 14.46 14.74
N LYS A 65 12.16 14.49 14.99
CA LYS A 65 11.65 14.29 16.35
C LYS A 65 11.78 12.83 16.78
N LEU A 66 12.42 12.61 17.93
CA LEU A 66 12.55 11.27 18.49
C LEU A 66 11.26 10.78 19.15
N ILE A 67 10.83 9.59 18.76
CA ILE A 67 9.66 8.95 19.37
C ILE A 67 10.12 7.76 20.21
N THR A 68 9.68 7.70 21.46
CA THR A 68 10.02 6.56 22.31
C THR A 68 8.83 5.62 22.41
N TYR A 69 9.11 4.36 22.67
CA TYR A 69 8.10 3.34 22.76
C TYR A 69 8.69 2.16 23.49
N THR A 70 7.83 1.22 23.84
CA THR A 70 8.34 0.09 24.61
C THR A 70 7.67 -1.24 24.32
N SER A 71 7.84 -2.18 25.24
CA SER A 71 7.41 -3.54 24.97
C SER A 71 5.96 -3.65 24.52
N ASP A 72 5.07 -3.02 25.24
CA ASP A 72 3.67 -3.21 24.92
C ASP A 72 3.22 -2.52 23.64
N ASP A 73 4.15 -1.88 22.94
CA ASP A 73 3.82 -1.20 21.70
C ASP A 73 4.11 -2.12 20.48
N ILE A 74 4.83 -3.18 20.73
CA ILE A 74 5.16 -4.12 19.68
C ILE A 74 4.16 -5.30 19.63
N ARG A 75 3.22 -5.09 18.70
N ARG A 75 3.30 -5.13 18.75
N ARG A 75 3.21 -5.12 18.71
CA ARG A 75 2.05 -5.96 18.67
CA ARG A 75 2.12 -6.00 18.72
CA ARG A 75 2.04 -5.97 18.65
C ARG A 75 1.85 -6.60 17.30
C ARG A 75 1.93 -6.64 17.35
C ARG A 75 1.87 -6.67 17.30
N SER A 76 2.83 -6.43 16.41
CA SER A 76 2.70 -6.85 15.01
C SER A 76 4.06 -6.96 14.39
N ILE A 77 4.14 -7.51 13.18
CA ILE A 77 5.42 -7.64 12.49
C ILE A 77 6.09 -6.28 12.37
N SER A 78 7.28 -6.15 12.95
CA SER A 78 7.95 -4.86 13.10
C SER A 78 9.46 -5.05 13.01
N PRO A 79 9.96 -5.31 11.80
CA PRO A 79 11.36 -5.73 11.62
C PRO A 79 12.36 -4.70 12.12
N VAL A 80 12.00 -3.43 11.99
CA VAL A 80 12.88 -2.35 12.38
C VAL A 80 12.60 -1.89 13.82
N ALA A 81 11.33 -1.65 14.14
CA ALA A 81 11.01 -1.12 15.47
C ALA A 81 11.42 -2.06 16.60
N GLN A 82 11.38 -3.37 16.36
CA GLN A 82 11.80 -4.32 17.40
C GLN A 82 13.28 -4.13 17.74
N GLN A 83 14.05 -3.68 16.75
CA GLN A 83 15.51 -3.49 16.88
C GLN A 83 15.90 -2.21 17.57
N HIS A 84 14.98 -1.24 17.65
CA HIS A 84 15.32 0.09 18.14
C HIS A 84 14.54 0.49 19.36
N VAL A 85 13.79 -0.46 19.92
CA VAL A 85 12.91 -0.16 21.05
C VAL A 85 13.67 0.42 22.26
N GLN A 86 14.94 0.05 22.40
CA GLN A 86 15.73 0.53 23.54
C GLN A 86 16.16 1.99 23.39
N THR A 87 16.20 2.49 22.16
CA THR A 87 16.70 3.84 21.89
C THR A 87 15.64 4.82 21.37
N GLY A 88 14.56 4.29 20.80
CA GLY A 88 13.56 5.13 20.17
C GLY A 88 13.84 5.26 18.68
N MET A 89 12.89 5.84 17.94
CA MET A 89 13.07 6.08 16.51
C MET A 89 12.57 7.46 16.18
N THR A 90 13.24 8.17 15.29
CA THR A 90 12.72 9.45 14.83
C THR A 90 11.53 9.22 13.92
N ILE A 91 10.71 10.25 13.75
CA ILE A 91 9.60 10.21 12.82
C ILE A 91 10.09 9.78 11.43
N GLY A 92 11.25 10.31 11.02
CA GLY A 92 11.82 9.92 9.75
C GLY A 92 12.14 8.45 9.69
N GLN A 93 12.77 7.92 10.74
CA GLN A 93 13.03 6.48 10.80
C GLN A 93 11.75 5.66 10.77
N LEU A 94 10.73 6.17 11.44
CA LEU A 94 9.44 5.47 11.48
C LEU A 94 8.81 5.44 10.09
N CYS A 95 8.84 6.57 9.39
CA CYS A 95 8.35 6.60 8.01
C CYS A 95 9.10 5.60 7.13
N ASP A 96 10.43 5.59 7.27
CA ASP A 96 11.27 4.70 6.50
C ASP A 96 10.87 3.24 6.75
N ALA A 97 10.75 2.86 8.01
CA ALA A 97 10.41 1.49 8.39
C ALA A 97 9.00 1.11 7.97
N ALA A 98 8.05 2.02 8.16
CA ALA A 98 6.66 1.74 7.84
C ALA A 98 6.53 1.40 6.36
N ILE A 99 7.21 2.16 5.51
CA ILE A 99 7.12 1.92 4.08
C ILE A 99 7.98 0.75 3.60
N ARG A 100 9.25 0.73 4.01
CA ARG A 100 10.24 -0.14 3.39
C ARG A 100 10.27 -1.54 3.99
N TYR A 101 9.68 -1.69 5.18
CA TYR A 101 9.64 -2.98 5.87
C TYR A 101 8.24 -3.37 6.32
N SER A 102 7.24 -2.57 5.95
CA SER A 102 5.87 -2.80 6.41
C SER A 102 5.83 -2.95 7.93
N ASP A 103 6.59 -2.10 8.61
CA ASP A 103 6.73 -2.19 10.05
C ASP A 103 5.44 -1.73 10.72
N GLY A 104 4.77 -2.64 11.43
CA GLY A 104 3.45 -2.36 11.97
C GLY A 104 3.49 -1.44 13.17
N THR A 105 4.51 -1.60 13.99
CA THR A 105 4.70 -0.70 15.13
C THR A 105 5.00 0.70 14.61
N ALA A 106 5.80 0.80 13.56
CA ALA A 106 6.08 2.11 12.96
C ALA A 106 4.78 2.76 12.46
N ALA A 107 3.95 1.98 11.79
CA ALA A 107 2.69 2.50 11.29
C ALA A 107 1.81 2.94 12.46
N ASN A 108 1.78 2.13 13.52
CA ASN A 108 0.96 2.47 14.67
C ASN A 108 1.41 3.76 15.33
N LEU A 109 2.72 3.97 15.41
CA LEU A 109 3.24 5.18 16.03
C LEU A 109 2.98 6.39 15.15
N LEU A 110 3.00 6.20 13.84
CA LEU A 110 2.74 7.30 12.93
C LEU A 110 1.28 7.68 12.99
N LEU A 111 0.41 6.68 13.14
CA LEU A 111 -1.02 6.95 13.36
C LEU A 111 -1.20 7.78 14.62
N ALA A 112 -0.52 7.40 15.70
CA ALA A 112 -0.61 8.14 16.96
C ALA A 112 -0.05 9.56 16.81
N ASP A 113 0.97 9.71 15.97
CA ASP A 113 1.52 11.05 15.71
C ASP A 113 0.50 11.92 14.96
N LEU A 114 -0.19 11.33 13.99
CA LEU A 114 -1.21 12.07 13.25
C LEU A 114 -2.30 12.50 14.24
N GLY A 115 -2.69 11.57 15.11
CA GLY A 115 -3.49 11.91 16.28
C GLY A 115 -4.99 11.92 16.03
N GLY A 116 -5.74 12.32 17.07
CA GLY A 116 -7.19 12.36 16.94
C GLY A 116 -7.84 11.02 17.29
N PRO A 117 -9.17 10.95 17.15
CA PRO A 117 -9.97 9.77 17.52
C PRO A 117 -9.48 8.47 16.86
N GLY A 118 -9.75 7.33 17.48
CA GLY A 118 -9.39 6.05 16.88
C GLY A 118 -7.90 5.86 16.72
N GLY A 119 -7.14 6.49 17.60
CA GLY A 119 -5.69 6.40 17.57
C GLY A 119 -5.07 6.88 16.28
N GLY A 120 -5.75 7.80 15.60
CA GLY A 120 -5.23 8.32 14.34
C GLY A 120 -5.96 7.79 13.11
N THR A 121 -6.79 6.77 13.28
CA THR A 121 -7.46 6.17 12.11
C THR A 121 -8.47 7.13 11.49
N ALA A 122 -9.12 7.94 12.31
CA ALA A 122 -10.08 8.91 11.80
C ALA A 122 -9.38 10.00 10.97
N ALA A 123 -8.26 10.50 11.46
CA ALA A 123 -7.54 11.54 10.76
C ALA A 123 -6.91 10.98 9.49
N PHE A 124 -6.53 9.71 9.53
CA PHE A 124 -5.97 9.08 8.34
C PHE A 124 -7.05 9.04 7.27
N THR A 125 -8.25 8.63 7.67
CA THR A 125 -9.35 8.53 6.72
C THR A 125 -9.68 9.92 6.19
N GLY A 126 -9.58 10.92 7.06
CA GLY A 126 -9.86 12.29 6.69
C GLY A 126 -8.85 12.80 5.67
N TYR A 127 -7.61 12.34 5.78
CA TYR A 127 -6.60 12.67 4.80
C TYR A 127 -7.00 12.14 3.41
N LEU A 128 -7.45 10.88 3.37
CA LEU A 128 -7.91 10.31 2.11
C LEU A 128 -9.10 11.11 1.55
N ARG A 129 -10.01 11.52 2.42
CA ARG A 129 -11.16 12.28 1.97
C ARG A 129 -10.71 13.59 1.34
N SER A 130 -9.62 14.17 1.86
CA SER A 130 -9.12 15.45 1.36
C SER A 130 -8.57 15.29 -0.06
N LEU A 131 -8.23 14.06 -0.41
CA LEU A 131 -7.76 13.74 -1.75
C LEU A 131 -8.90 13.20 -2.62
N GLY A 132 -10.13 13.36 -2.17
CA GLY A 132 -11.28 13.02 -3.01
C GLY A 132 -11.65 11.54 -3.00
N ASP A 133 -11.04 10.79 -2.09
CA ASP A 133 -11.36 9.38 -1.92
C ASP A 133 -12.49 9.26 -0.89
N THR A 134 -13.70 8.99 -1.38
CA THR A 134 -14.87 8.87 -0.53
C THR A 134 -15.18 7.41 -0.25
N VAL A 135 -14.28 6.52 -0.65
CA VAL A 135 -14.52 5.08 -0.58
C VAL A 135 -13.77 4.41 0.57
N SER A 136 -12.48 4.70 0.69
CA SER A 136 -11.61 4.01 1.64
C SER A 136 -11.92 4.35 3.09
N ARG A 137 -11.62 3.44 3.99
CA ARG A 137 -11.80 3.71 5.42
C ARG A 137 -10.80 2.91 6.23
N LEU A 138 -10.20 3.55 7.23
CA LEU A 138 -9.35 2.82 8.18
C LEU A 138 -10.03 2.88 9.54
N ASP A 139 -10.12 1.72 10.21
CA ASP A 139 -10.90 1.61 11.44
C ASP A 139 -10.12 1.06 12.62
N ALA A 140 -9.02 0.37 12.30
CA ALA A 140 -8.19 -0.29 13.31
C ALA A 140 -6.75 -0.01 13.00
N GLU A 141 -5.85 -0.26 13.94
CA GLU A 141 -4.43 -0.19 13.62
C GLU A 141 -3.85 -1.61 13.51
N GLU A 142 -2.53 -1.73 13.49
CA GLU A 142 -1.90 -3.06 13.39
C GLU A 142 -1.96 -3.76 14.74
N PRO A 143 -2.24 -5.08 14.76
CA PRO A 143 -2.44 -6.01 13.64
C PRO A 143 -3.91 -6.17 13.25
N GLU A 144 -4.82 -5.56 14.00
CA GLU A 144 -6.24 -5.84 13.79
C GLU A 144 -6.75 -5.52 12.39
N LEU A 145 -6.15 -4.52 11.75
CA LEU A 145 -6.65 -4.09 10.44
C LEU A 145 -6.47 -5.15 9.35
N ASN A 146 -5.71 -6.21 9.65
CA ASN A 146 -5.50 -7.29 8.70
C ASN A 146 -6.53 -8.40 8.80
N ARG A 147 -7.39 -8.31 9.80
CA ARG A 147 -8.19 -9.47 10.23
C ARG A 147 -9.68 -9.39 10.00
N ASP A 148 -10.16 -8.34 9.34
CA ASP A 148 -11.60 -8.24 9.14
C ASP A 148 -12.07 -9.36 8.23
N PRO A 149 -13.26 -9.92 8.52
CA PRO A 149 -13.73 -11.04 7.70
C PRO A 149 -13.88 -10.59 6.24
N PRO A 150 -13.74 -11.53 5.30
CA PRO A 150 -14.00 -11.28 3.88
C PRO A 150 -15.34 -10.60 3.71
N GLY A 151 -15.37 -9.54 2.90
CA GLY A 151 -16.59 -8.78 2.69
C GLY A 151 -16.82 -7.62 3.65
N ASP A 152 -16.23 -7.67 4.83
CA ASP A 152 -16.38 -6.61 5.83
C ASP A 152 -15.73 -5.34 5.28
N GLU A 153 -16.39 -4.20 5.45
CA GLU A 153 -15.89 -2.97 4.84
C GLU A 153 -14.86 -2.22 5.70
N ARG A 154 -14.71 -2.63 6.95
CA ARG A 154 -13.69 -2.01 7.79
C ARG A 154 -12.32 -2.21 7.17
N ASP A 155 -11.51 -1.16 7.24
CA ASP A 155 -10.11 -1.23 6.86
C ASP A 155 -9.91 -1.58 5.40
N THR A 156 -10.82 -1.12 4.54
CA THR A 156 -10.73 -1.44 3.12
C THR A 156 -10.53 -0.22 2.26
N THR A 157 -10.01 -0.48 1.06
CA THR A 157 -9.95 0.48 -0.01
C THR A 157 -10.39 -0.30 -1.25
N THR A 158 -10.21 0.26 -2.44
CA THR A 158 -10.44 -0.48 -3.67
C THR A 158 -9.25 -0.22 -4.58
N PRO A 159 -9.00 -1.10 -5.55
CA PRO A 159 -7.88 -0.82 -6.47
C PRO A 159 -8.02 0.56 -7.13
N HIS A 160 -9.22 0.89 -7.57
CA HIS A 160 -9.52 2.19 -8.16
C HIS A 160 -9.19 3.34 -7.20
N ALA A 161 -9.70 3.27 -5.96
CA ALA A 161 -9.53 4.36 -5.00
C ALA A 161 -8.08 4.57 -4.62
N ILE A 162 -7.39 3.50 -4.27
CA ILE A 162 -6.01 3.63 -3.83
C ILE A 162 -5.07 4.05 -4.96
N ALA A 163 -5.38 3.65 -6.20
CA ALA A 163 -4.59 4.09 -7.35
C ALA A 163 -4.71 5.60 -7.54
N LEU A 164 -5.92 6.13 -7.41
CA LEU A 164 -6.10 7.57 -7.59
C LEU A 164 -5.43 8.35 -6.47
N VAL A 165 -5.46 7.79 -5.26
CA VAL A 165 -4.74 8.40 -4.14
C VAL A 165 -3.23 8.40 -4.42
N LEU A 166 -2.69 7.24 -4.79
CA LEU A 166 -1.24 7.16 -5.01
C LEU A 166 -0.81 8.06 -6.15
N GLN A 167 -1.65 8.14 -7.18
CA GLN A 167 -1.36 9.01 -8.32
C GLN A 167 -1.20 10.47 -7.87
N GLN A 168 -2.08 10.93 -6.99
CA GLN A 168 -1.99 12.31 -6.51
C GLN A 168 -0.74 12.54 -5.68
N LEU A 169 -0.39 11.55 -4.86
CA LEU A 169 0.74 11.65 -3.94
C LEU A 169 2.09 11.70 -4.66
N VAL A 170 2.27 10.82 -5.66
CA VAL A 170 3.58 10.66 -6.30
C VAL A 170 3.71 11.45 -7.60
N LEU A 171 2.64 11.48 -8.38
CA LEU A 171 2.69 12.13 -9.70
C LEU A 171 2.08 13.53 -9.65
N GLY A 172 1.06 13.70 -8.82
CA GLY A 172 0.33 14.96 -8.74
C GLY A 172 0.87 15.91 -7.69
N ASN A 173 0.02 16.84 -7.24
CA ASN A 173 0.45 17.93 -6.37
C ASN A 173 -0.11 17.86 -4.96
N ALA A 174 -0.46 16.66 -4.52
CA ALA A 174 -1.00 16.47 -3.17
C ALA A 174 0.01 16.95 -2.14
N LEU A 175 1.30 16.71 -2.42
CA LEU A 175 2.37 17.13 -1.53
C LEU A 175 3.28 18.12 -2.23
N PRO A 176 3.91 19.02 -1.46
CA PRO A 176 4.93 19.90 -2.04
C PRO A 176 6.11 19.05 -2.51
N PRO A 177 6.90 19.57 -3.46
CA PRO A 177 7.95 18.74 -4.07
C PRO A 177 8.92 18.08 -3.09
N ASP A 178 9.31 18.76 -2.03
CA ASP A 178 10.26 18.16 -1.09
C ASP A 178 9.67 16.95 -0.35
N LYS A 179 8.45 17.10 0.16
CA LYS A 179 7.78 15.96 0.81
C LYS A 179 7.41 14.86 -0.18
N ARG A 180 7.04 15.25 -1.40
CA ARG A 180 6.74 14.29 -2.44
C ARG A 180 7.96 13.41 -2.72
N ALA A 181 9.13 14.02 -2.72
CA ALA A 181 10.38 13.30 -2.99
C ALA A 181 10.73 12.32 -1.87
N LEU A 182 10.43 12.71 -0.63
CA LEU A 182 10.70 11.84 0.52
C LEU A 182 9.85 10.59 0.39
N LEU A 183 8.57 10.79 0.09
CA LEU A 183 7.65 9.66 -0.06
C LEU A 183 8.07 8.76 -1.21
N THR A 184 8.36 9.37 -2.35
CA THR A 184 8.75 8.64 -3.55
C THR A 184 10.01 7.82 -3.30
N ASP A 185 11.01 8.43 -2.66
CA ASP A 185 12.27 7.72 -2.38
C ASP A 185 12.08 6.55 -1.44
N TRP A 186 11.24 6.71 -0.41
CA TRP A 186 10.99 5.59 0.50
C TRP A 186 10.36 4.41 -0.24
N MET A 187 9.40 4.70 -1.11
CA MET A 187 8.80 3.63 -1.89
C MET A 187 9.77 3.04 -2.90
N ALA A 188 10.66 3.89 -3.43
CA ALA A 188 11.68 3.46 -4.38
C ALA A 188 12.63 2.45 -3.76
N ARG A 189 12.87 2.62 -2.46
CA ARG A 189 13.81 1.78 -1.72
C ARG A 189 13.09 0.67 -0.95
N ASN A 190 11.83 0.43 -1.27
CA ASN A 190 11.09 -0.63 -0.57
C ASN A 190 11.81 -1.98 -0.63
N THR A 191 11.80 -2.71 0.49
CA THR A 191 12.44 -4.03 0.52
C THR A 191 11.49 -5.20 0.40
N THR A 192 10.19 -4.96 0.41
CA THR A 192 9.23 -6.05 0.56
C THR A 192 8.51 -6.47 -0.72
N GLY A 193 8.85 -5.84 -1.84
CA GLY A 193 8.04 -5.95 -3.05
C GLY A 193 8.64 -6.62 -4.26
N ALA A 194 9.80 -7.26 -4.10
CA ALA A 194 10.54 -7.80 -5.24
C ALA A 194 9.78 -8.88 -5.98
N LYS A 195 8.88 -9.57 -5.29
CA LYS A 195 8.15 -10.67 -5.93
C LYS A 195 6.73 -10.29 -6.32
N ARG A 196 6.42 -8.99 -6.31
CA ARG A 196 5.09 -8.54 -6.67
C ARG A 196 5.07 -7.74 -7.97
N ILE A 197 4.65 -6.49 -7.95
CA ILE A 197 4.56 -5.74 -9.20
C ILE A 197 5.93 -5.65 -9.89
N ARG A 198 6.98 -5.45 -9.09
CA ARG A 198 8.36 -5.45 -9.60
C ARG A 198 8.70 -6.70 -10.44
N ALA A 199 8.18 -7.86 -10.03
CA ALA A 199 8.45 -9.10 -10.76
C ALA A 199 7.79 -9.15 -12.14
N GLY A 200 6.77 -8.33 -12.35
CA GLY A 200 6.03 -8.33 -13.61
C GLY A 200 6.50 -7.35 -14.66
N PHE A 201 7.38 -6.42 -14.29
CA PHE A 201 7.87 -5.42 -15.23
C PHE A 201 9.32 -5.64 -15.57
N PRO A 202 9.70 -5.36 -16.83
CA PRO A 202 11.09 -5.50 -17.27
C PRO A 202 12.01 -4.64 -16.42
N ALA A 203 13.27 -5.08 -16.26
CA ALA A 203 14.21 -4.38 -15.39
C ALA A 203 14.49 -2.93 -15.79
N ASP A 204 14.28 -2.59 -17.06
CA ASP A 204 14.52 -1.22 -17.49
C ASP A 204 13.34 -0.28 -17.18
N TRP A 205 12.29 -0.84 -16.57
CA TRP A 205 11.22 -0.01 -16.00
C TRP A 205 11.54 0.28 -14.54
N LYS A 206 11.37 1.53 -14.11
CA LYS A 206 11.56 1.88 -12.71
C LYS A 206 10.29 1.52 -11.94
N VAL A 207 10.45 0.88 -10.78
CA VAL A 207 9.27 0.54 -9.96
C VAL A 207 9.49 1.05 -8.53
N ILE A 208 8.48 1.73 -7.98
CA ILE A 208 8.46 2.08 -6.57
C ILE A 208 7.14 1.49 -6.06
N ASP A 209 7.10 1.00 -4.82
CA ASP A 209 5.87 0.34 -4.38
C ASP A 209 5.70 0.28 -2.87
N LYS A 210 4.48 -0.09 -2.46
CA LYS A 210 4.18 -0.38 -1.06
C LYS A 210 3.29 -1.61 -1.06
N THR A 211 3.73 -2.66 -0.36
CA THR A 211 2.97 -3.92 -0.34
C THR A 211 2.02 -3.97 0.84
N GLY A 212 1.20 -5.02 0.87
CA GLY A 212 0.42 -5.32 2.05
C GLY A 212 0.10 -6.80 2.04
N THR A 213 0.04 -7.40 3.22
CA THR A 213 -0.26 -8.82 3.32
C THR A 213 -1.04 -8.99 4.60
N GLY A 214 -2.02 -9.90 4.59
CA GLY A 214 -2.87 -10.09 5.74
C GLY A 214 -3.51 -11.47 5.76
N ASP A 215 -4.50 -11.65 6.63
CA ASP A 215 -5.13 -12.95 6.77
C ASP A 215 -6.11 -13.19 5.62
N TYR A 216 -6.70 -14.37 5.58
CA TYR A 216 -7.54 -14.77 4.44
C TYR A 216 -6.77 -14.68 3.12
N GLY A 217 -5.47 -14.93 3.18
CA GLY A 217 -4.62 -14.97 2.00
C GLY A 217 -4.49 -13.63 1.30
N ARG A 218 -4.55 -12.55 2.08
CA ARG A 218 -4.48 -11.20 1.49
C ARG A 218 -3.07 -10.84 1.06
N ALA A 219 -2.95 -10.39 -0.20
CA ALA A 219 -1.67 -9.91 -0.73
C ALA A 219 -1.95 -8.75 -1.69
N ASN A 220 -1.41 -7.58 -1.39
CA ASN A 220 -1.59 -6.40 -2.23
C ASN A 220 -0.24 -5.80 -2.62
N ASP A 221 -0.26 -4.97 -3.65
CA ASP A 221 0.89 -4.13 -3.98
C ASP A 221 0.38 -2.90 -4.71
N ILE A 222 0.83 -1.73 -4.32
CA ILE A 222 0.50 -0.53 -5.08
C ILE A 222 1.82 0.06 -5.53
N ALA A 223 1.87 0.49 -6.78
CA ALA A 223 3.14 0.95 -7.33
C ALA A 223 2.95 2.11 -8.27
N VAL A 224 4.03 2.86 -8.45
CA VAL A 224 4.14 3.73 -9.61
C VAL A 224 5.30 3.18 -10.43
N VAL A 225 5.07 3.00 -11.72
CA VAL A 225 6.12 2.48 -12.59
C VAL A 225 6.42 3.51 -13.66
N TRP A 226 7.68 3.54 -14.10
CA TRP A 226 8.09 4.42 -15.20
C TRP A 226 8.69 3.59 -16.31
N SER A 227 8.25 3.84 -17.54
CA SER A 227 8.78 3.14 -18.70
C SER A 227 10.22 3.60 -18.88
N PRO A 228 10.98 2.88 -19.74
CA PRO A 228 12.36 3.32 -20.03
C PRO A 228 12.44 4.76 -20.57
N THR A 229 11.35 5.28 -21.14
CA THR A 229 11.36 6.67 -21.60
C THR A 229 10.69 7.65 -20.64
N GLY A 230 10.45 7.21 -19.42
CA GLY A 230 9.96 8.10 -18.38
C GLY A 230 8.46 8.36 -18.37
N VAL A 231 7.67 7.45 -18.94
CA VAL A 231 6.21 7.62 -18.91
C VAL A 231 5.70 6.85 -17.71
N PRO A 232 5.02 7.54 -16.77
CA PRO A 232 4.60 6.89 -15.52
C PRO A 232 3.22 6.26 -15.60
N TYR A 233 3.04 5.16 -14.86
CA TYR A 233 1.72 4.55 -14.72
C TYR A 233 1.55 4.17 -13.26
N VAL A 234 0.30 4.20 -12.80
CA VAL A 234 0.02 3.79 -11.43
C VAL A 234 -0.61 2.41 -11.49
N VAL A 235 -0.12 1.48 -10.67
CA VAL A 235 -0.61 0.10 -10.73
C VAL A 235 -1.01 -0.34 -9.33
N ALA A 236 -2.30 -0.66 -9.16
CA ALA A 236 -2.82 -1.21 -7.91
C ALA A 236 -3.30 -2.64 -8.14
N VAL A 237 -2.73 -3.59 -7.41
CA VAL A 237 -3.16 -4.97 -7.51
C VAL A 237 -3.45 -5.45 -6.11
N MET A 238 -4.63 -6.03 -5.92
CA MET A 238 -5.06 -6.49 -4.60
C MET A 238 -5.65 -7.88 -4.72
N SER A 239 -5.51 -8.69 -3.67
CA SER A 239 -6.03 -10.05 -3.76
C SER A 239 -6.35 -10.63 -2.41
N ASP A 240 -7.27 -11.58 -2.37
CA ASP A 240 -7.41 -12.40 -1.16
C ASP A 240 -7.82 -13.80 -1.56
N ARG A 241 -7.77 -14.73 -0.62
CA ARG A 241 -8.12 -16.12 -0.92
C ARG A 241 -9.06 -16.61 0.17
N ALA A 242 -10.20 -15.91 0.29
CA ALA A 242 -11.16 -16.17 1.35
C ALA A 242 -11.62 -17.62 1.38
N GLY A 243 -11.59 -18.29 0.23
CA GLY A 243 -11.96 -19.69 0.15
C GLY A 243 -11.13 -20.62 1.02
N GLY A 244 -9.96 -20.16 1.43
CA GLY A 244 -9.10 -20.95 2.30
C GLY A 244 -9.23 -20.59 3.78
N GLY A 245 -10.14 -19.67 4.09
CA GLY A 245 -10.35 -19.27 5.47
C GLY A 245 -9.24 -18.37 5.99
N TYR A 246 -9.22 -18.14 7.30
CA TYR A 246 -8.33 -17.17 7.93
C TYR A 246 -6.86 -17.45 7.67
N ASP A 247 -6.51 -18.73 7.63
CA ASP A 247 -5.11 -19.13 7.49
C ASP A 247 -4.70 -19.38 6.04
N ALA A 248 -5.56 -19.00 5.09
CA ALA A 248 -5.20 -19.12 3.68
C ALA A 248 -3.87 -18.42 3.44
N GLU A 249 -2.97 -19.08 2.72
CA GLU A 249 -1.65 -18.50 2.44
C GLU A 249 -1.76 -17.35 1.44
N PRO A 250 -1.15 -16.20 1.74
CA PRO A 250 -1.06 -15.14 0.73
C PRO A 250 -0.21 -15.67 -0.39
N ARG A 251 -0.55 -15.33 -1.64
CA ARG A 251 0.19 -15.86 -2.76
C ARG A 251 0.72 -14.73 -3.65
N GLU A 252 1.96 -14.31 -3.39
CA GLU A 252 2.62 -13.22 -4.15
C GLU A 252 2.62 -13.45 -5.64
N ALA A 253 2.81 -14.71 -6.02
CA ALA A 253 2.91 -15.12 -7.42
C ALA A 253 1.74 -14.60 -8.24
N LEU A 254 0.55 -14.62 -7.64
CA LEU A 254 -0.64 -14.07 -8.29
C LEU A 254 -0.42 -12.61 -8.69
N LEU A 255 0.19 -11.82 -7.81
CA LEU A 255 0.41 -10.40 -8.08
C LEU A 255 1.47 -10.24 -9.16
N ALA A 256 2.51 -11.07 -9.08
CA ALA A 256 3.55 -11.06 -10.12
C ALA A 256 2.97 -11.38 -11.49
N GLU A 257 2.10 -12.41 -11.56
CA GLU A 257 1.48 -12.75 -12.83
C GLU A 257 0.53 -11.66 -13.30
N ALA A 258 -0.28 -11.11 -12.40
CA ALA A 258 -1.18 -10.03 -12.78
C ALA A 258 -0.40 -8.84 -13.35
N ALA A 259 0.68 -8.47 -12.66
CA ALA A 259 1.54 -7.37 -13.12
C ALA A 259 2.19 -7.66 -14.47
N THR A 260 2.55 -8.92 -14.71
CA THR A 260 3.15 -9.29 -15.99
C THR A 260 2.14 -9.06 -17.11
N CYS A 261 0.88 -9.40 -16.84
CA CYS A 261 -0.19 -9.18 -17.81
C CYS A 261 -0.39 -7.69 -18.07
N VAL A 262 -0.36 -6.88 -17.01
CA VAL A 262 -0.47 -5.43 -17.15
C VAL A 262 0.71 -4.87 -17.95
N ALA A 263 1.92 -5.30 -17.60
CA ALA A 263 3.13 -4.81 -18.26
C ALA A 263 3.09 -5.12 -19.76
N GLY A 264 2.52 -6.26 -20.11
CA GLY A 264 2.40 -6.62 -21.52
C GLY A 264 1.56 -5.62 -22.30
N VAL A 265 0.51 -5.11 -21.66
CA VAL A 265 -0.37 -4.14 -22.28
C VAL A 265 0.26 -2.75 -22.33
N LEU A 266 1.03 -2.40 -21.30
CA LEU A 266 1.60 -1.06 -21.21
C LEU A 266 2.88 -0.87 -22.03
N ALA A 267 3.54 -1.97 -22.37
CA ALA A 267 4.78 -1.90 -23.16
C ALA A 267 4.55 -1.40 -24.58
P PO4 B . -2.14 -11.88 11.96
O1 PO4 B . -1.74 -11.92 13.41
O2 PO4 B . -3.42 -11.09 11.82
O3 PO4 B . -1.09 -11.20 11.10
O4 PO4 B . -2.35 -13.30 11.45
P PO4 C . 17.63 3.56 9.52
O1 PO4 C . 18.05 3.84 10.95
O2 PO4 C . 16.31 4.26 9.24
O3 PO4 C . 18.69 4.06 8.58
O4 PO4 C . 17.47 2.06 9.37
P PO4 D . 18.73 -0.65 5.33
O1 PO4 D . 19.23 0.70 5.80
O2 PO4 D . 17.25 -0.73 5.60
O3 PO4 D . 19.00 -0.81 3.86
O4 PO4 D . 19.42 -1.75 6.10
P PO4 E . -4.91 -4.93 21.25
O1 PO4 E . -4.23 -3.92 22.12
O2 PO4 E . -6.27 -4.78 21.44
O3 PO4 E . -4.64 -4.68 19.84
O4 PO4 E . -4.53 -6.31 21.60
OAU 1TE F . 4.21 -7.64 2.67
CAL 1TE F . 3.76 -7.00 3.50
OAV 1TE F . 3.59 -5.88 3.38
CAG 1TE F . 3.32 -7.68 4.69
NAA 1TE F . 2.70 -6.81 5.60
CAE 1TE F . 1.76 -6.03 6.11
OAT 1TE F . 0.87 -5.58 5.40
CAD 1TE F . 2.19 -6.42 7.63
CAJ 1TE F . 1.95 -5.59 8.65
CAK 1TE F . 2.73 -5.84 9.96
OAW 1TE F . 2.37 -4.29 8.32
CAF 1TE F . 3.20 -7.16 7.13
CAI 1TE F . 4.01 -8.17 6.82
CAS 1TE F . 3.06 -9.29 7.03
CAH 1TE F . 4.41 -8.22 5.35
SAX 1TE F . 4.64 -9.73 4.47
CAM 1TE F . 5.33 -10.66 5.80
CAN 1TE F . 6.66 -10.04 6.14
CAO 1TE F . 6.05 -11.90 5.33
NAB 1TE F . 7.30 -11.24 5.57
CAP 1TE F . 8.55 -11.66 5.43
NAC 1TE F . 9.61 -11.14 6.02
CAR 1TE F . 10.75 -11.75 5.70
CAQ 1TE F . 10.61 -12.78 4.85
SAY 1TE F . 8.98 -12.91 4.49
#